data_1G2M
#
_entry.id   1G2M
#
_cell.length_a   57.400
_cell.length_b   73.200
_cell.length_c   79.700
_cell.angle_alpha   90.00
_cell.angle_beta   90.00
_cell.angle_gamma   90.00
#
_symmetry.space_group_name_H-M   'P 21 21 21'
#
loop_
_entity.id
_entity.type
_entity.pdbx_description
1 polymer 'COAGULATION FACTOR X'
2 polymer 'COAGULATION FACTOR X'
3 non-polymer 'CALCIUM ION'
4 non-polymer 4-{[1-METHYL-5-(2-METHYL-BENZOIMIDAZOL-1-YLMETHYL)-1H-BENZOIMIDAZOL-2-YLMETHYL]-AMINO}-BENZAMIDINE
#
loop_
_entity_poly.entity_id
_entity_poly.type
_entity_poly.pdbx_seq_one_letter_code
_entity_poly.pdbx_strand_id
1 'polypeptide(L)'
;IVGGQECKDGECPWQALLINEENEGFCGGTILSEFYILTAAHCLYQAKRFKVRVGDRNTEQEEGGEAVHEVEVVIKHNRF
TKETYDFDIAVLRLKTPITFRMNVAPACLPERDWAESTLMTQKTGIVSGFGRTHEKGRQSTRLKMLEVPYVDRNSCKLSS
SFIITQNMFCAGYDTKQEDACQGDSGGPHVTRFKDTYFVTGIVSWGEGCARKGKYGIYTKVTAFLKWIDRSMKTR
;
A
2 'polypeptide(L)'
;DGDQCETSPCQNQGKCKDGLGEYTCTCLEGFEGKNCELFTRKLCSLDNGDCDQFCHEEQNSVVCSCARGYTLADNGKACI
PTGPYPCGKQTLER
;
B
#
# COMPACT_ATOMS: atom_id res chain seq x y z
N ILE A 1 -6.80 -6.13 -11.38
CA ILE A 1 -5.88 -5.15 -12.03
C ILE A 1 -6.06 -5.28 -13.54
N VAL A 2 -6.33 -4.16 -14.21
CA VAL A 2 -6.52 -4.17 -15.64
C VAL A 2 -5.18 -4.19 -16.35
N GLY A 3 -4.96 -5.22 -17.17
CA GLY A 3 -3.72 -5.36 -17.93
C GLY A 3 -2.40 -5.30 -17.19
N GLY A 4 -2.32 -5.90 -16.00
CA GLY A 4 -1.07 -5.88 -15.25
C GLY A 4 -0.34 -7.21 -15.33
N GLN A 5 0.77 -7.32 -14.59
CA GLN A 5 1.55 -8.56 -14.57
C GLN A 5 1.11 -9.38 -13.37
N GLU A 6 1.59 -10.62 -13.28
CA GLU A 6 1.23 -11.50 -12.17
C GLU A 6 2.25 -11.44 -11.05
N CYS A 7 1.79 -11.53 -9.81
CA CYS A 7 2.68 -11.52 -8.65
C CYS A 7 3.24 -12.92 -8.49
N LYS A 8 4.56 -13.06 -8.57
CA LYS A 8 5.21 -14.36 -8.43
C LYS A 8 5.44 -14.70 -6.95
N ASP A 9 6.00 -15.87 -6.68
CA ASP A 9 6.27 -16.29 -5.31
C ASP A 9 7.09 -15.29 -4.53
N GLY A 10 6.47 -14.74 -3.49
CA GLY A 10 7.13 -13.78 -2.63
C GLY A 10 7.28 -12.38 -3.19
N GLU A 11 6.63 -12.07 -4.30
CA GLU A 11 6.73 -10.74 -4.90
C GLU A 11 5.81 -9.67 -4.30
N CYS A 12 4.68 -10.10 -3.75
CA CYS A 12 3.72 -9.18 -3.18
C CYS A 12 3.26 -9.68 -1.80
N PRO A 13 4.23 -9.91 -0.88
CA PRO A 13 3.97 -10.40 0.48
C PRO A 13 3.13 -9.57 1.44
N TRP A 14 2.89 -8.31 1.12
CA TRP A 14 2.09 -7.40 1.98
C TRP A 14 0.61 -7.34 1.60
N GLN A 15 0.24 -8.05 0.55
CA GLN A 15 -1.13 -8.06 0.09
C GLN A 15 -1.99 -8.89 1.04
N ALA A 16 -3.13 -8.32 1.44
CA ALA A 16 -4.10 -8.97 2.30
C ALA A 16 -5.39 -8.91 1.52
N LEU A 17 -6.35 -9.77 1.85
CA LEU A 17 -7.63 -9.81 1.12
C LEU A 17 -8.78 -9.79 2.09
N LEU A 18 -9.77 -8.95 1.82
CA LEU A 18 -10.94 -8.85 2.68
C LEU A 18 -12.07 -9.70 2.10
N ILE A 19 -12.30 -10.85 2.72
CA ILE A 19 -13.34 -11.80 2.30
C ILE A 19 -14.60 -11.70 3.18
N ASN A 20 -15.75 -11.64 2.54
CA ASN A 20 -17.02 -11.56 3.29
C ASN A 20 -17.48 -12.92 3.80
N GLU A 21 -18.76 -13.03 4.15
CA GLU A 21 -19.34 -14.26 4.64
C GLU A 21 -19.16 -15.42 3.66
N GLU A 22 -19.52 -15.19 2.40
CA GLU A 22 -19.40 -16.21 1.36
C GLU A 22 -17.97 -16.39 0.89
N ASN A 23 -17.02 -15.81 1.64
CA ASN A 23 -15.60 -15.88 1.30
C ASN A 23 -15.25 -15.17 0.01
N GLU A 24 -16.06 -14.17 -0.35
CA GLU A 24 -15.82 -13.40 -1.55
C GLU A 24 -14.90 -12.23 -1.20
N GLY A 25 -13.74 -12.18 -1.85
CA GLY A 25 -12.79 -11.10 -1.60
C GLY A 25 -13.30 -9.81 -2.22
N PHE A 26 -14.04 -9.02 -1.45
CA PHE A 26 -14.58 -7.77 -1.93
C PHE A 26 -13.60 -6.60 -1.96
N CYS A 27 -12.52 -6.70 -1.17
CA CYS A 27 -11.51 -5.65 -1.10
C CYS A 27 -10.14 -6.17 -0.71
N GLY A 28 -9.15 -5.29 -0.72
CA GLY A 28 -7.80 -5.66 -0.36
C GLY A 28 -7.27 -4.90 0.84
N GLY A 29 -6.04 -5.20 1.23
CA GLY A 29 -5.45 -4.52 2.37
C GLY A 29 -3.94 -4.63 2.33
N THR A 30 -3.27 -3.89 3.19
CA THR A 30 -1.81 -3.91 3.24
C THR A 30 -1.43 -4.38 4.63
N ILE A 31 -0.57 -5.38 4.71
CA ILE A 31 -0.15 -5.88 6.00
C ILE A 31 0.84 -4.89 6.60
N LEU A 32 0.50 -4.38 7.78
CA LEU A 32 1.36 -3.42 8.47
C LEU A 32 2.18 -4.10 9.56
N SER A 33 1.59 -5.08 10.24
CA SER A 33 2.25 -5.82 11.31
C SER A 33 1.48 -7.11 11.60
N GLU A 34 1.79 -7.77 12.71
CA GLU A 34 1.11 -9.01 13.07
C GLU A 34 -0.37 -8.81 13.26
N PHE A 35 -0.75 -7.65 13.76
CA PHE A 35 -2.15 -7.37 14.06
C PHE A 35 -2.86 -6.37 13.17
N TYR A 36 -2.13 -5.42 12.60
CA TYR A 36 -2.77 -4.39 11.80
C TYR A 36 -2.72 -4.51 10.29
N ILE A 37 -3.87 -4.23 9.69
CA ILE A 37 -4.07 -4.23 8.24
C ILE A 37 -4.58 -2.84 7.89
N LEU A 38 -3.99 -2.23 6.87
CA LEU A 38 -4.39 -0.90 6.42
C LEU A 38 -5.34 -1.15 5.26
N THR A 39 -6.42 -0.37 5.20
CA THR A 39 -7.40 -0.53 4.12
C THR A 39 -8.18 0.78 3.87
N ALA A 40 -9.03 0.78 2.84
CA ALA A 40 -9.85 1.94 2.49
C ALA A 40 -11.12 1.90 3.34
N ALA A 41 -11.52 3.05 3.87
CA ALA A 41 -12.72 3.13 4.70
C ALA A 41 -14.02 2.72 4.02
N HIS A 42 -14.15 3.04 2.73
CA HIS A 42 -15.38 2.71 2.00
C HIS A 42 -15.62 1.20 1.86
N CYS A 43 -14.56 0.40 1.94
CA CYS A 43 -14.66 -1.06 1.83
C CYS A 43 -15.44 -1.67 2.97
N LEU A 44 -15.54 -0.95 4.08
CA LEU A 44 -16.25 -1.42 5.26
C LEU A 44 -17.76 -1.43 5.07
N TYR A 45 -18.21 -1.21 3.84
CA TYR A 45 -19.63 -1.19 3.50
C TYR A 45 -20.11 -2.42 2.73
N GLN A 46 -19.23 -3.01 1.94
CA GLN A 46 -19.61 -4.18 1.14
C GLN A 46 -19.71 -5.51 1.90
N ALA A 47 -19.89 -5.44 3.21
CA ALA A 47 -20.01 -6.65 4.02
C ALA A 47 -20.44 -6.31 5.44
N LYS A 48 -21.39 -7.07 5.97
CA LYS A 48 -21.88 -6.87 7.33
C LYS A 48 -20.75 -7.27 8.28
N ARG A 49 -20.03 -8.33 7.89
CA ARG A 49 -18.91 -8.85 8.65
C ARG A 49 -18.00 -9.55 7.65
N PHE A 50 -16.70 -9.51 7.92
CA PHE A 50 -15.72 -10.12 7.03
C PHE A 50 -14.52 -10.68 7.79
N LYS A 51 -13.60 -11.26 7.03
CA LYS A 51 -12.37 -11.82 7.58
C LYS A 51 -11.25 -11.38 6.66
N VAL A 52 -10.01 -11.58 7.09
CA VAL A 52 -8.86 -11.18 6.32
C VAL A 52 -8.01 -12.39 5.97
N ARG A 53 -7.89 -12.68 4.68
CA ARG A 53 -7.08 -13.81 4.24
C ARG A 53 -5.72 -13.31 3.79
N VAL A 54 -4.67 -13.97 4.27
CA VAL A 54 -3.30 -13.61 3.95
C VAL A 54 -2.59 -14.84 3.39
N GLY A 55 -1.59 -14.62 2.55
CA GLY A 55 -0.85 -15.73 1.97
C GLY A 55 -1.56 -16.33 0.76
N ASP A 56 -2.72 -15.78 0.43
CA ASP A 56 -3.50 -16.26 -0.71
C ASP A 56 -2.97 -15.61 -1.99
N ARG A 57 -2.64 -16.44 -2.96
CA ARG A 57 -2.09 -15.94 -4.21
C ARG A 57 -3.00 -16.27 -5.40
N ASN A 58 -3.87 -17.26 -5.20
CA ASN A 58 -4.80 -17.72 -6.22
C ASN A 58 -6.08 -18.06 -5.45
N THR A 59 -7.13 -17.29 -5.73
CA THR A 59 -8.41 -17.47 -5.07
C THR A 59 -9.02 -18.87 -5.22
N GLU A 60 -8.70 -19.54 -6.32
CA GLU A 60 -9.24 -20.88 -6.59
C GLU A 60 -8.60 -22.02 -5.78
N GLN A 61 -7.40 -22.43 -6.19
CA GLN A 61 -6.69 -23.52 -5.53
C GLN A 61 -6.13 -23.14 -4.16
N GLU A 62 -6.30 -24.02 -3.19
CA GLU A 62 -5.80 -23.77 -1.84
C GLU A 62 -4.44 -24.46 -1.70
N GLU A 63 -3.40 -23.78 -2.14
CA GLU A 63 -2.04 -24.33 -2.08
C GLU A 63 -1.40 -24.17 -0.71
N GLY A 64 -2.21 -24.16 0.35
CA GLY A 64 -1.68 -23.97 1.67
C GLY A 64 -1.14 -22.56 1.78
N GLY A 65 -0.45 -22.24 2.88
CA GLY A 65 0.10 -20.90 3.05
C GLY A 65 -0.94 -19.82 3.26
N GLU A 66 -2.18 -20.09 2.88
CA GLU A 66 -3.27 -19.16 3.03
C GLU A 66 -3.73 -19.24 4.48
N ALA A 67 -4.05 -18.09 5.07
CA ALA A 67 -4.51 -18.07 6.45
C ALA A 67 -5.52 -16.96 6.67
N VAL A 68 -6.67 -17.34 7.21
CA VAL A 68 -7.74 -16.39 7.48
C VAL A 68 -7.64 -15.90 8.92
N HIS A 69 -7.87 -14.61 9.13
CA HIS A 69 -7.83 -14.01 10.46
C HIS A 69 -9.10 -13.20 10.71
N GLU A 70 -9.60 -13.23 11.94
CA GLU A 70 -10.80 -12.48 12.28
C GLU A 70 -10.45 -11.09 12.78
N VAL A 71 -11.27 -10.13 12.40
CA VAL A 71 -11.07 -8.75 12.79
C VAL A 71 -11.59 -8.55 14.21
N GLU A 72 -10.73 -8.05 15.08
CA GLU A 72 -11.11 -7.80 16.46
C GLU A 72 -11.79 -6.44 16.49
N VAL A 73 -11.02 -5.42 16.12
CA VAL A 73 -11.51 -4.05 16.12
C VAL A 73 -11.33 -3.41 14.75
N VAL A 74 -12.26 -2.54 14.38
CA VAL A 74 -12.20 -1.85 13.11
C VAL A 74 -12.14 -0.35 13.39
N ILE A 75 -10.99 0.26 13.12
CA ILE A 75 -10.81 1.70 13.32
C ILE A 75 -10.96 2.39 11.98
N LYS A 76 -12.12 3.00 11.77
CA LYS A 76 -12.42 3.69 10.52
C LYS A 76 -12.16 5.18 10.70
N HIS A 77 -11.84 5.89 9.62
CA HIS A 77 -11.59 7.31 9.74
C HIS A 77 -12.92 8.06 9.89
N ASN A 78 -13.06 8.72 11.04
CA ASN A 78 -14.25 9.50 11.40
C ASN A 78 -14.62 10.63 10.45
N ARG A 79 -13.76 10.94 9.49
CA ARG A 79 -14.03 12.02 8.56
C ARG A 79 -14.42 11.53 7.17
N PHE A 80 -14.53 10.22 6.99
CA PHE A 80 -14.89 9.67 5.69
C PHE A 80 -16.35 9.90 5.38
N THR A 81 -16.62 10.28 4.13
CA THR A 81 -17.98 10.54 3.68
C THR A 81 -18.07 10.13 2.22
N LYS A 82 -19.06 9.32 1.88
CA LYS A 82 -19.26 8.89 0.49
C LYS A 82 -19.51 10.07 -0.43
N GLU A 83 -20.05 11.14 0.14
CA GLU A 83 -20.37 12.35 -0.60
C GLU A 83 -19.12 13.09 -1.09
N THR A 84 -17.95 12.70 -0.59
CA THR A 84 -16.69 13.34 -0.97
C THR A 84 -15.52 12.39 -1.18
N TYR A 85 -15.61 11.20 -0.62
CA TYR A 85 -14.56 10.20 -0.71
C TYR A 85 -13.21 10.65 -0.19
N ASP A 86 -13.26 11.63 0.72
CA ASP A 86 -12.05 12.17 1.34
C ASP A 86 -11.88 11.40 2.64
N PHE A 87 -10.64 11.28 3.09
CA PHE A 87 -10.31 10.55 4.32
C PHE A 87 -10.65 9.07 4.17
N ASP A 88 -10.51 8.56 2.96
CA ASP A 88 -10.79 7.17 2.67
C ASP A 88 -9.65 6.30 3.19
N ILE A 89 -9.71 5.99 4.48
CA ILE A 89 -8.69 5.18 5.13
C ILE A 89 -9.29 4.55 6.39
N ALA A 90 -8.82 3.34 6.72
CA ALA A 90 -9.28 2.61 7.90
C ALA A 90 -8.26 1.54 8.25
N VAL A 91 -8.02 1.38 9.54
CA VAL A 91 -7.07 0.40 10.08
C VAL A 91 -7.86 -0.73 10.75
N LEU A 92 -7.47 -1.98 10.47
CA LEU A 92 -8.14 -3.13 11.05
C LEU A 92 -7.20 -3.89 11.97
N ARG A 93 -7.67 -4.25 13.15
CA ARG A 93 -6.86 -5.01 14.09
C ARG A 93 -7.45 -6.41 14.12
N LEU A 94 -6.57 -7.41 13.97
CA LEU A 94 -6.99 -8.79 13.98
C LEU A 94 -6.85 -9.42 15.36
N LYS A 95 -7.71 -10.40 15.66
CA LYS A 95 -7.70 -11.09 16.95
C LYS A 95 -6.45 -11.95 17.13
N THR A 96 -5.97 -12.51 16.02
CA THR A 96 -4.81 -13.37 16.04
C THR A 96 -3.68 -12.79 15.21
N PRO A 97 -2.46 -12.79 15.74
CA PRO A 97 -1.28 -12.27 15.04
C PRO A 97 -1.00 -13.04 13.77
N ILE A 98 -0.61 -12.33 12.72
CA ILE A 98 -0.31 -12.94 11.44
C ILE A 98 1.11 -13.50 11.42
N THR A 99 1.22 -14.78 11.08
CA THR A 99 2.51 -15.45 11.01
C THR A 99 3.21 -15.14 9.70
N PHE A 100 4.39 -14.56 9.79
CA PHE A 100 5.13 -14.21 8.60
C PHE A 100 5.81 -15.44 8.01
N ARG A 101 5.70 -15.58 6.71
CA ARG A 101 6.27 -16.71 6.00
C ARG A 101 6.37 -16.31 4.54
N MET A 102 6.78 -17.24 3.68
CA MET A 102 6.89 -16.96 2.25
C MET A 102 5.54 -16.42 1.79
N ASN A 103 5.57 -15.25 1.18
CA ASN A 103 4.36 -14.58 0.69
C ASN A 103 3.53 -13.90 1.76
N VAL A 104 4.10 -13.76 2.95
CA VAL A 104 3.41 -13.09 4.04
C VAL A 104 4.44 -12.28 4.81
N ALA A 105 4.43 -10.97 4.60
CA ALA A 105 5.34 -10.05 5.26
C ALA A 105 4.73 -8.66 5.21
N PRO A 106 5.00 -7.83 6.22
CA PRO A 106 4.44 -6.48 6.22
C PRO A 106 5.19 -5.54 5.28
N ALA A 107 4.62 -4.38 5.03
CA ALA A 107 5.25 -3.37 4.18
C ALA A 107 5.75 -2.30 5.13
N CYS A 108 6.80 -1.57 4.77
CA CYS A 108 7.32 -0.54 5.65
C CYS A 108 6.59 0.79 5.53
N LEU A 109 6.33 1.42 6.67
CA LEU A 109 5.69 2.73 6.68
C LEU A 109 6.86 3.72 6.72
N PRO A 110 6.79 4.79 5.94
CA PRO A 110 7.84 5.81 5.89
C PRO A 110 7.54 6.96 6.85
N GLU A 111 8.11 8.13 6.57
CA GLU A 111 7.87 9.30 7.38
C GLU A 111 7.35 10.37 6.43
N ARG A 112 6.44 11.22 6.92
CA ARG A 112 5.86 12.27 6.08
C ARG A 112 6.94 12.94 5.22
N ASP A 113 7.94 13.54 5.87
CA ASP A 113 9.07 14.16 5.20
C ASP A 113 9.95 12.95 4.89
N TRP A 114 10.22 12.73 3.61
CA TRP A 114 10.96 11.57 3.09
C TRP A 114 9.82 10.59 2.84
N ALA A 115 9.07 10.91 1.81
CA ALA A 115 7.89 10.19 1.35
C ALA A 115 7.48 11.33 0.45
N GLU A 116 7.05 12.44 1.06
CA GLU A 116 6.74 13.63 0.29
C GLU A 116 8.20 14.05 0.12
N SER A 117 8.76 13.64 -1.01
CA SER A 117 10.16 13.84 -1.44
C SER A 117 10.79 12.45 -1.29
N THR A 118 11.62 12.07 -2.27
CA THR A 118 12.27 10.76 -2.29
C THR A 118 11.29 9.69 -2.75
N LEU A 119 10.18 9.50 -2.04
CA LEU A 119 9.20 8.49 -2.43
C LEU A 119 8.19 8.95 -3.47
N MET A 120 7.43 10.00 -3.17
CA MET A 120 6.45 10.53 -4.13
C MET A 120 7.26 11.08 -5.30
N THR A 121 8.53 11.39 -5.04
CA THR A 121 9.46 11.93 -6.03
C THR A 121 9.76 10.90 -7.11
N GLN A 122 9.73 9.62 -6.74
CA GLN A 122 10.00 8.55 -7.69
C GLN A 122 9.04 8.73 -8.86
N LYS A 123 9.31 8.06 -9.96
CA LYS A 123 8.43 8.18 -11.12
C LYS A 123 7.34 7.10 -11.20
N THR A 124 7.45 6.06 -10.38
CA THR A 124 6.49 4.96 -10.42
C THR A 124 6.25 4.28 -9.07
N GLY A 125 5.05 3.72 -8.90
CA GLY A 125 4.70 3.00 -7.70
C GLY A 125 4.17 1.64 -8.10
N ILE A 126 4.00 0.74 -7.15
CA ILE A 126 3.48 -0.61 -7.41
C ILE A 126 2.13 -0.73 -6.74
N VAL A 127 1.18 -1.32 -7.44
CA VAL A 127 -0.18 -1.50 -6.90
C VAL A 127 -0.59 -2.95 -7.18
N SER A 128 -1.49 -3.51 -6.38
CA SER A 128 -1.90 -4.89 -6.60
C SER A 128 -3.23 -5.31 -5.97
N GLY A 129 -3.74 -6.45 -6.40
CA GLY A 129 -4.98 -6.96 -5.86
C GLY A 129 -5.68 -8.03 -6.69
N PHE A 130 -6.77 -8.56 -6.14
CA PHE A 130 -7.60 -9.59 -6.79
C PHE A 130 -8.87 -8.93 -7.31
N GLY A 131 -8.73 -7.82 -8.05
CA GLY A 131 -9.90 -7.11 -8.54
C GLY A 131 -10.11 -7.24 -10.03
N ARG A 132 -11.19 -6.67 -10.55
CA ARG A 132 -11.52 -6.74 -11.97
C ARG A 132 -10.32 -6.58 -12.90
N THR A 133 -10.35 -7.31 -14.00
CA THR A 133 -9.26 -7.28 -14.95
C THR A 133 -9.56 -6.46 -16.22
N HIS A 134 -10.81 -6.03 -16.40
CA HIS A 134 -11.14 -5.26 -17.60
C HIS A 134 -12.31 -4.27 -17.52
N GLU A 135 -12.98 -4.18 -16.37
CA GLU A 135 -14.15 -3.31 -16.20
C GLU A 135 -15.23 -4.02 -17.03
N LYS A 136 -16.30 -4.45 -16.38
CA LYS A 136 -17.35 -5.23 -17.04
C LYS A 136 -16.67 -6.55 -17.42
N GLY A 137 -16.13 -7.21 -16.39
CA GLY A 137 -15.44 -8.46 -16.58
C GLY A 137 -15.30 -9.17 -15.25
N ARG A 138 -14.64 -10.33 -15.27
CA ARG A 138 -14.43 -11.13 -14.07
C ARG A 138 -13.42 -10.50 -13.12
N GLN A 139 -13.50 -10.90 -11.86
CA GLN A 139 -12.59 -10.43 -10.83
C GLN A 139 -11.46 -11.47 -10.83
N SER A 140 -10.22 -11.02 -10.96
CA SER A 140 -9.09 -11.95 -11.01
C SER A 140 -9.01 -13.03 -9.93
N THR A 141 -8.50 -14.18 -10.33
CA THR A 141 -8.32 -15.32 -9.43
C THR A 141 -6.85 -15.43 -9.01
N ARG A 142 -5.98 -14.68 -9.70
CA ARG A 142 -4.56 -14.66 -9.40
C ARG A 142 -4.26 -13.23 -8.96
N LEU A 143 -3.33 -13.08 -8.02
CA LEU A 143 -2.95 -11.76 -7.53
C LEU A 143 -2.13 -11.09 -8.60
N LYS A 144 -2.58 -9.93 -9.06
CA LYS A 144 -1.88 -9.18 -10.09
C LYS A 144 -1.26 -7.90 -9.57
N MET A 145 -0.18 -7.48 -10.22
CA MET A 145 0.52 -6.24 -9.85
C MET A 145 0.65 -5.38 -11.09
N LEU A 146 0.98 -4.10 -10.90
CA LEU A 146 1.12 -3.18 -12.01
C LEU A 146 1.91 -1.94 -11.60
N GLU A 147 2.88 -1.55 -12.41
CA GLU A 147 3.68 -0.36 -12.14
C GLU A 147 2.89 0.83 -12.65
N VAL A 148 2.49 1.71 -11.74
CA VAL A 148 1.75 2.91 -12.10
C VAL A 148 2.57 4.16 -11.83
N PRO A 149 2.85 4.95 -12.87
CA PRO A 149 3.64 6.18 -12.74
C PRO A 149 2.91 7.26 -11.93
N TYR A 150 3.69 8.09 -11.25
CA TYR A 150 3.14 9.17 -10.44
C TYR A 150 2.66 10.31 -11.32
N VAL A 151 1.41 10.72 -11.13
CA VAL A 151 0.81 11.80 -11.89
C VAL A 151 0.81 13.07 -11.04
N ASP A 152 1.22 14.19 -11.63
CA ASP A 152 1.25 15.46 -10.90
C ASP A 152 -0.15 15.94 -10.56
N ARG A 153 -0.29 16.50 -9.36
CA ARG A 153 -1.56 16.99 -8.85
C ARG A 153 -2.40 17.82 -9.82
N ASN A 154 -1.78 18.76 -10.53
CA ASN A 154 -2.54 19.59 -11.47
C ASN A 154 -3.19 18.84 -12.61
N SER A 155 -2.43 17.98 -13.29
CA SER A 155 -2.98 17.21 -14.39
C SER A 155 -4.07 16.30 -13.82
N CYS A 156 -3.81 15.77 -12.63
CA CYS A 156 -4.73 14.90 -11.91
C CYS A 156 -6.09 15.57 -11.79
N LYS A 157 -6.11 16.76 -11.20
CA LYS A 157 -7.34 17.52 -11.02
C LYS A 157 -8.02 17.83 -12.35
N LEU A 158 -7.22 18.19 -13.34
CA LEU A 158 -7.72 18.51 -14.68
C LEU A 158 -8.41 17.35 -15.37
N SER A 159 -8.02 16.13 -15.03
CA SER A 159 -8.60 14.95 -15.64
C SER A 159 -9.81 14.42 -14.89
N SER A 160 -9.79 14.56 -13.57
CA SER A 160 -10.88 14.07 -12.74
C SER A 160 -12.09 15.00 -12.72
N SER A 161 -13.27 14.42 -12.99
CA SER A 161 -14.52 15.19 -12.98
C SER A 161 -14.89 15.58 -11.57
N PHE A 162 -14.28 14.92 -10.58
CA PHE A 162 -14.58 15.19 -9.18
C PHE A 162 -13.39 15.86 -8.50
N ILE A 163 -13.67 16.55 -7.41
CA ILE A 163 -12.65 17.25 -6.64
C ILE A 163 -11.60 16.32 -6.03
N ILE A 164 -10.33 16.56 -6.37
CA ILE A 164 -9.20 15.80 -5.86
C ILE A 164 -8.64 16.56 -4.65
N THR A 165 -8.99 16.11 -3.46
CA THR A 165 -8.54 16.75 -2.24
C THR A 165 -7.05 16.49 -1.98
N GLN A 166 -6.49 17.18 -0.99
CA GLN A 166 -5.08 17.02 -0.64
C GLN A 166 -4.74 15.68 0.01
N ASN A 167 -5.77 14.91 0.35
CA ASN A 167 -5.56 13.59 0.95
C ASN A 167 -5.62 12.54 -0.14
N MET A 168 -5.45 12.97 -1.39
CA MET A 168 -5.52 12.05 -2.52
C MET A 168 -4.33 12.30 -3.44
N PHE A 169 -4.18 11.44 -4.44
CA PHE A 169 -3.13 11.58 -5.45
C PHE A 169 -3.41 10.64 -6.62
N CYS A 170 -3.09 11.09 -7.82
CA CYS A 170 -3.31 10.29 -9.02
C CYS A 170 -2.07 9.50 -9.37
N ALA A 171 -2.29 8.34 -9.98
CA ALA A 171 -1.23 7.46 -10.41
C ALA A 171 -1.86 6.57 -11.46
N GLY A 172 -1.21 6.47 -12.62
CA GLY A 172 -1.77 5.65 -13.68
C GLY A 172 -1.34 6.15 -15.04
N TYR A 173 -2.05 5.68 -16.07
CA TYR A 173 -1.73 6.06 -17.44
C TYR A 173 -2.87 6.85 -18.05
N ASP A 174 -2.51 7.78 -18.95
CA ASP A 174 -3.48 8.61 -19.63
C ASP A 174 -4.08 7.84 -20.81
N THR A 175 -3.23 7.17 -21.58
CA THR A 175 -3.68 6.42 -22.74
C THR A 175 -3.53 4.91 -22.58
N LYS A 176 -2.36 4.47 -22.10
CA LYS A 176 -2.07 3.04 -21.91
C LYS A 176 -3.16 2.36 -21.06
N GLN A 177 -3.72 1.29 -21.59
CA GLN A 177 -4.79 0.57 -20.89
C GLN A 177 -4.38 -0.35 -19.75
N GLU A 178 -3.90 0.27 -18.67
CA GLU A 178 -3.47 -0.44 -17.48
C GLU A 178 -3.90 0.44 -16.31
N ASP A 179 -4.52 -0.18 -15.31
CA ASP A 179 -5.00 0.58 -14.16
C ASP A 179 -5.69 -0.35 -13.19
N ALA A 180 -5.69 0.00 -11.91
CA ALA A 180 -6.37 -0.81 -10.91
C ALA A 180 -7.86 -0.73 -11.27
N CYS A 181 -8.70 -1.43 -10.52
CA CYS A 181 -10.12 -1.41 -10.84
C CYS A 181 -10.96 -1.79 -9.64
N GLN A 182 -12.24 -2.03 -9.86
CA GLN A 182 -13.15 -2.41 -8.78
C GLN A 182 -12.70 -3.72 -8.17
N GLY A 183 -12.73 -3.79 -6.84
CA GLY A 183 -12.31 -4.99 -6.16
C GLY A 183 -10.86 -4.86 -5.69
N ASP A 184 -10.20 -3.82 -6.15
CA ASP A 184 -8.81 -3.55 -5.77
C ASP A 184 -8.80 -2.51 -4.64
N SER A 185 -9.98 -1.95 -4.35
CA SER A 185 -10.15 -0.94 -3.33
C SER A 185 -9.59 -1.37 -1.97
N GLY A 186 -8.83 -0.48 -1.34
CA GLY A 186 -8.22 -0.79 -0.06
C GLY A 186 -6.84 -1.41 -0.24
N GLY A 187 -6.59 -1.87 -1.48
CA GLY A 187 -5.33 -2.50 -1.82
C GLY A 187 -4.16 -1.54 -1.68
N PRO A 188 -2.93 -2.06 -1.59
CA PRO A 188 -1.74 -1.25 -1.45
C PRO A 188 -1.10 -0.65 -2.69
N HIS A 189 -0.52 0.53 -2.50
CA HIS A 189 0.24 1.25 -3.53
C HIS A 189 1.56 1.47 -2.79
N VAL A 190 2.50 0.55 -3.00
CA VAL A 190 3.79 0.59 -2.35
C VAL A 190 4.81 1.22 -3.30
N THR A 191 5.91 1.73 -2.76
CA THR A 191 6.96 2.35 -3.57
C THR A 191 8.33 1.83 -3.14
N ARG A 192 9.10 1.32 -4.09
CA ARG A 192 10.43 0.76 -3.82
C ARG A 192 11.54 1.78 -3.79
N PHE A 193 12.34 1.74 -2.73
CA PHE A 193 13.49 2.61 -2.62
C PHE A 193 14.66 1.71 -2.31
N LYS A 194 15.50 1.52 -3.33
CA LYS A 194 16.67 0.66 -3.27
C LYS A 194 16.26 -0.80 -3.26
N ASP A 195 15.77 -1.31 -2.13
CA ASP A 195 15.32 -2.70 -2.05
C ASP A 195 14.15 -2.91 -1.11
N THR A 196 13.82 -1.88 -0.34
CA THR A 196 12.72 -1.92 0.60
C THR A 196 11.49 -1.27 -0.04
N TYR A 197 10.31 -1.63 0.45
CA TYR A 197 9.07 -1.09 -0.07
C TYR A 197 8.30 -0.34 1.01
N PHE A 198 7.96 0.92 0.72
CA PHE A 198 7.24 1.75 1.67
C PHE A 198 5.83 2.01 1.15
N VAL A 199 4.84 1.93 2.05
CA VAL A 199 3.45 2.17 1.69
C VAL A 199 3.22 3.65 1.42
N THR A 200 2.91 3.99 0.18
CA THR A 200 2.67 5.37 -0.21
C THR A 200 1.19 5.76 -0.33
N GLY A 201 0.34 4.80 -0.67
CA GLY A 201 -1.08 5.08 -0.79
C GLY A 201 -1.91 3.81 -0.91
N ILE A 202 -3.23 3.94 -0.81
CA ILE A 202 -4.13 2.79 -0.94
C ILE A 202 -5.20 3.07 -1.99
N VAL A 203 -5.50 2.05 -2.80
CA VAL A 203 -6.48 2.17 -3.88
C VAL A 203 -7.83 2.71 -3.38
N SER A 204 -8.15 3.94 -3.75
CA SER A 204 -9.40 4.54 -3.32
C SER A 204 -10.51 4.43 -4.35
N TRP A 205 -10.38 5.20 -5.44
CA TRP A 205 -11.37 5.20 -6.51
C TRP A 205 -10.80 5.71 -7.82
N GLY A 206 -11.66 5.73 -8.83
CA GLY A 206 -11.27 6.18 -10.15
C GLY A 206 -12.51 6.14 -11.04
N GLU A 207 -12.45 6.85 -12.16
CA GLU A 207 -13.58 6.89 -13.09
C GLU A 207 -13.39 5.81 -14.17
N GLY A 208 -14.02 4.67 -13.95
CA GLY A 208 -13.87 3.57 -14.87
C GLY A 208 -12.51 2.97 -14.62
N CYS A 209 -12.07 2.05 -15.46
CA CYS A 209 -10.77 1.45 -15.26
C CYS A 209 -10.00 1.55 -16.56
N ALA A 210 -8.76 2.02 -16.47
CA ALA A 210 -7.90 2.19 -17.63
C ALA A 210 -8.57 3.10 -18.65
N ARG A 211 -9.52 3.91 -18.16
CA ARG A 211 -10.26 4.84 -19.01
C ARG A 211 -9.29 5.88 -19.56
N LYS A 212 -9.28 5.99 -20.89
CA LYS A 212 -8.41 6.92 -21.59
C LYS A 212 -8.70 8.36 -21.19
N GLY A 213 -7.68 9.03 -20.64
CA GLY A 213 -7.84 10.40 -20.22
C GLY A 213 -8.04 10.52 -18.73
N LYS A 214 -8.25 9.40 -18.05
CA LYS A 214 -8.46 9.36 -16.61
C LYS A 214 -7.32 8.60 -15.93
N TYR A 215 -7.16 8.83 -14.63
CA TYR A 215 -6.13 8.17 -13.86
C TYR A 215 -6.80 7.52 -12.65
N GLY A 216 -6.11 6.56 -12.04
CA GLY A 216 -6.65 5.90 -10.86
C GLY A 216 -6.22 6.77 -9.71
N ILE A 217 -7.10 7.02 -8.76
CA ILE A 217 -6.73 7.88 -7.63
C ILE A 217 -6.59 7.07 -6.33
N TYR A 218 -5.60 7.44 -5.52
CA TYR A 218 -5.32 6.75 -4.27
C TYR A 218 -5.31 7.68 -3.05
N THR A 219 -5.39 7.07 -1.87
CA THR A 219 -5.35 7.79 -0.62
C THR A 219 -3.88 8.04 -0.35
N LYS A 220 -3.54 9.30 -0.07
CA LYS A 220 -2.17 9.68 0.22
C LYS A 220 -1.87 9.31 1.68
N VAL A 221 -1.29 8.13 1.88
CA VAL A 221 -0.96 7.62 3.21
C VAL A 221 -0.09 8.60 3.99
N THR A 222 0.73 9.35 3.28
CA THR A 222 1.62 10.33 3.90
C THR A 222 0.85 11.24 4.87
N ALA A 223 -0.32 11.72 4.44
CA ALA A 223 -1.16 12.61 5.24
C ALA A 223 -1.78 11.96 6.46
N PHE A 224 -1.77 10.63 6.50
CA PHE A 224 -2.38 9.91 7.62
C PHE A 224 -1.41 9.15 8.51
N LEU A 225 -0.11 9.34 8.31
CA LEU A 225 0.89 8.64 9.13
C LEU A 225 0.63 8.67 10.62
N LYS A 226 0.51 9.87 11.21
CA LYS A 226 0.25 9.97 12.65
C LYS A 226 -1.05 9.29 13.06
N TRP A 227 -2.06 9.34 12.19
CA TRP A 227 -3.34 8.71 12.47
C TRP A 227 -3.10 7.21 12.54
N ILE A 228 -2.31 6.69 11.60
CA ILE A 228 -2.00 5.27 11.57
C ILE A 228 -1.34 4.86 12.89
N ASP A 229 -0.39 5.66 13.37
CA ASP A 229 0.28 5.33 14.64
C ASP A 229 -0.74 5.34 15.78
N ARG A 230 -1.60 6.35 15.78
CA ARG A 230 -2.65 6.50 16.78
C ARG A 230 -3.45 5.20 16.85
N SER A 231 -3.98 4.80 15.70
CA SER A 231 -4.77 3.58 15.59
C SER A 231 -4.00 2.29 15.90
N MET A 232 -2.70 2.28 15.68
CA MET A 232 -1.91 1.08 15.98
C MET A 232 -1.68 0.94 17.47
N LYS A 233 -1.70 2.06 18.18
CA LYS A 233 -1.54 2.06 19.64
C LYS A 233 -2.98 2.00 20.17
N THR A 234 -3.92 2.08 19.25
CA THR A 234 -5.36 2.06 19.49
C THR A 234 -5.90 3.40 20.00
N ARG A 235 -6.62 4.08 19.11
CA ARG A 235 -7.25 5.37 19.39
C ARG A 235 -8.01 5.80 18.15
N THR B 40 32.62 22.05 3.70
CA THR B 40 31.13 22.10 3.62
C THR B 40 30.60 20.70 3.36
N ARG B 41 29.43 20.41 3.90
CA ARG B 41 28.77 19.12 3.73
C ARG B 41 27.32 19.36 4.10
N LYS B 42 26.41 18.79 3.32
CA LYS B 42 24.97 18.94 3.53
C LYS B 42 24.29 18.24 2.36
N LEU B 43 22.96 18.22 2.37
CA LEU B 43 22.13 17.63 1.32
C LEU B 43 21.80 16.14 1.33
N CYS B 44 20.52 15.85 1.56
CA CYS B 44 20.02 14.49 1.51
C CYS B 44 19.67 14.30 0.03
N SER B 45 19.91 15.35 -0.76
CA SER B 45 19.64 15.37 -2.18
C SER B 45 20.74 14.72 -3.00
N LEU B 46 21.98 14.80 -2.50
CA LEU B 46 23.13 14.22 -3.20
C LEU B 46 22.83 12.81 -3.68
N ASP B 47 22.38 11.96 -2.76
CA ASP B 47 22.02 10.58 -3.08
C ASP B 47 21.45 10.00 -1.80
N ASN B 48 20.40 10.66 -1.32
CA ASN B 48 19.72 10.29 -0.09
C ASN B 48 20.68 10.27 1.10
N GLY B 49 21.82 10.94 0.93
CA GLY B 49 22.82 11.00 1.97
C GLY B 49 23.45 9.67 2.29
N ASP B 50 23.45 8.75 1.31
CA ASP B 50 24.02 7.42 1.50
C ASP B 50 23.24 6.59 2.53
N CYS B 51 22.04 7.04 2.82
CA CYS B 51 21.20 6.32 3.76
C CYS B 51 20.49 5.23 2.98
N ASP B 52 20.29 4.08 3.63
CA ASP B 52 19.59 2.98 2.98
C ASP B 52 18.10 3.29 2.96
N GLN B 53 17.68 4.13 3.90
CA GLN B 53 16.29 4.49 4.01
C GLN B 53 16.08 5.97 4.32
N PHE B 54 15.53 6.28 5.48
CA PHE B 54 15.25 7.67 5.83
C PHE B 54 16.51 8.51 5.96
N CYS B 55 16.45 9.71 5.41
CA CYS B 55 17.56 10.67 5.46
C CYS B 55 16.97 11.93 6.07
N HIS B 56 17.65 12.51 7.04
CA HIS B 56 17.18 13.73 7.70
C HIS B 56 18.33 14.61 8.14
N GLU B 57 18.78 15.48 7.24
CA GLU B 57 19.90 16.39 7.52
C GLU B 57 19.68 17.24 8.77
N GLU B 58 20.70 17.24 9.64
CA GLU B 58 20.66 18.02 10.88
C GLU B 58 21.94 18.86 10.95
N GLN B 59 21.78 20.18 11.00
CA GLN B 59 22.89 21.13 11.06
C GLN B 59 23.67 21.18 9.74
N ASN B 60 24.42 20.13 9.46
CA ASN B 60 25.21 20.04 8.23
C ASN B 60 25.41 18.58 7.85
N SER B 61 25.20 17.71 8.83
CA SER B 61 25.36 16.27 8.61
C SER B 61 24.08 15.72 7.98
N VAL B 62 24.19 14.52 7.41
CA VAL B 62 23.05 13.87 6.77
C VAL B 62 22.09 13.21 7.76
N VAL B 63 22.63 12.46 8.72
CA VAL B 63 21.83 11.76 9.73
C VAL B 63 20.73 10.84 9.16
N CYS B 64 21.03 9.55 9.08
CA CYS B 64 20.10 8.57 8.54
C CYS B 64 19.28 7.87 9.63
N SER B 65 18.21 7.21 9.21
CA SER B 65 17.31 6.49 10.11
C SER B 65 16.82 5.21 9.42
N CYS B 66 16.32 4.26 10.20
CA CYS B 66 15.82 3.00 9.66
C CYS B 66 14.41 2.71 10.16
N ALA B 67 13.60 2.10 9.31
CA ALA B 67 12.22 1.77 9.63
C ALA B 67 12.20 0.76 10.77
N ARG B 68 11.12 0.76 11.53
CA ARG B 68 10.96 -0.15 12.65
C ARG B 68 11.19 -1.58 12.17
N GLY B 69 12.17 -2.24 12.77
CA GLY B 69 12.50 -3.61 12.39
C GLY B 69 13.90 -3.66 11.84
N TYR B 70 14.48 -2.49 11.64
CA TYR B 70 15.84 -2.36 11.13
C TYR B 70 16.68 -1.66 12.17
N THR B 71 17.95 -1.97 12.19
CA THR B 71 18.88 -1.36 13.12
C THR B 71 19.93 -0.65 12.28
N LEU B 72 20.24 0.59 12.65
CA LEU B 72 21.22 1.36 11.92
C LEU B 72 22.61 0.75 12.09
N ALA B 73 23.26 0.48 10.98
CA ALA B 73 24.60 -0.10 10.99
C ALA B 73 25.56 0.89 11.63
N ASP B 74 26.68 0.38 12.12
CA ASP B 74 27.71 1.19 12.78
C ASP B 74 28.21 2.35 11.91
N ASN B 75 28.06 2.22 10.59
CA ASN B 75 28.48 3.27 9.67
C ASN B 75 27.48 4.41 9.61
N GLY B 76 26.41 4.31 10.41
CA GLY B 76 25.38 5.33 10.46
C GLY B 76 24.75 5.61 9.11
N LYS B 77 24.77 4.61 8.24
CA LYS B 77 24.20 4.76 6.90
C LYS B 77 23.35 3.56 6.49
N ALA B 78 23.86 2.36 6.72
CA ALA B 78 23.14 1.15 6.35
C ALA B 78 22.06 0.78 7.37
N CYS B 79 21.10 -0.02 6.95
CA CYS B 79 20.02 -0.46 7.81
C CYS B 79 20.00 -1.99 7.84
N ILE B 80 20.38 -2.55 8.99
CA ILE B 80 20.42 -3.99 9.16
C ILE B 80 19.06 -4.54 9.61
N PRO B 81 18.55 -5.58 8.92
CA PRO B 81 17.26 -6.15 9.32
C PRO B 81 17.47 -6.84 10.66
N THR B 82 16.53 -6.66 11.59
CA THR B 82 16.60 -7.25 12.92
C THR B 82 15.96 -8.64 13.01
N GLY B 83 14.75 -8.77 12.48
CA GLY B 83 14.05 -10.03 12.52
C GLY B 83 14.24 -10.85 11.26
N PRO B 84 13.66 -12.06 11.20
CA PRO B 84 13.79 -12.94 10.03
C PRO B 84 12.97 -12.44 8.83
N TYR B 85 11.93 -11.66 9.10
CA TYR B 85 11.07 -11.12 8.05
C TYR B 85 10.83 -9.62 8.24
N PRO B 86 11.82 -8.79 7.87
CA PRO B 86 11.70 -7.34 8.01
C PRO B 86 10.67 -6.81 7.00
N CYS B 87 10.06 -5.68 7.33
CA CYS B 87 9.05 -5.09 6.45
C CYS B 87 9.65 -4.62 5.14
N GLY B 88 8.81 -4.55 4.12
CA GLY B 88 9.28 -4.06 2.84
C GLY B 88 10.16 -5.00 2.03
N LYS B 89 10.53 -6.13 2.60
CA LYS B 89 11.36 -7.08 1.88
C LYS B 89 10.52 -8.17 1.22
N GLN B 90 10.83 -8.49 -0.04
CA GLN B 90 10.11 -9.54 -0.75
C GLN B 90 10.54 -10.90 -0.22
N THR B 91 9.59 -11.59 0.41
CA THR B 91 9.86 -12.91 0.99
C THR B 91 9.89 -13.98 -0.07
N LEU B 92 10.90 -13.94 -0.94
CA LEU B 92 11.03 -14.90 -2.00
C LEU B 92 12.35 -15.65 -1.82
N GLU B 93 12.69 -16.48 -2.80
CA GLU B 93 13.94 -17.21 -2.77
C GLU B 93 15.00 -16.14 -3.04
N ARG B 94 15.31 -15.39 -1.98
CA ARG B 94 16.27 -14.30 -2.05
C ARG B 94 17.73 -14.74 -2.03
#